data_4WM0
#
_entry.id   4WM0
#
_cell.length_a   89.541
_cell.length_b   89.541
_cell.length_c   42.979
_cell.angle_alpha   90.00
_cell.angle_beta   90.00
_cell.angle_gamma   120.00
#
_symmetry.space_group_name_H-M   'P 3'
#
loop_
_entity.id
_entity.type
_entity.pdbx_description
1 polymer 'Xyloside xylosyltransferase 1'
2 polymer 'Coagulation factor IX'
3 branched alpha-D-xylopyranose-(1-3)-beta-D-glucopyranose
4 water water
#
loop_
_entity_poly.entity_id
_entity_poly.type
_entity_poly.pdbx_seq_one_letter_code
_entity_poly.pdbx_strand_id
1 'polypeptide(L)'
;SLEGGVVVPVDYHLLMMFTKAEHNAPLQAKARVALSSLLRLAKFEAHEVLNLHFVSEEASREVAKALLRELLPPAAGFKC
KVIFHDVAVLTDKLFPVVEAMQKYFSAGSGTYYSDSIFFLSVAMHQIMPKEIPRIIQLDLDLKYKTNIRELFEEFDNFLP
GAVIGIAREMQPVYRHTFWQFRHENPKTRVGDPPPEGLPGFNSGVMLLNLEAMRQSPLYSHLLEPSWVQQLADKYHFRGH
LGDQDFFTMIGMEHPELFHVLDCTWNRQLCTWWRDHGYSDVFQAYFRCEGHVKIYHGNCNTPIPED
;
A
2 'polypeptide(L)' MDIVDGDQCESNPCLNGGSCKDDINSYECWCPFGFEGKNCELLEHHHHHH D
#
loop_
_chem_comp.id
_chem_comp.type
_chem_comp.name
_chem_comp.formula
BGC D-saccharide, beta linking beta-D-glucopyranose 'C6 H12 O6'
XYS D-saccharide, alpha linking alpha-D-xylopyranose 'C5 H10 O5'
#
# COMPACT_ATOMS: atom_id res chain seq x y z
N VAL A 7 -10.46 -11.41 33.15
CA VAL A 7 -9.43 -11.66 32.16
C VAL A 7 -8.90 -10.36 31.56
N VAL A 8 -7.61 -10.31 31.25
CA VAL A 8 -7.00 -9.09 30.69
C VAL A 8 -7.30 -8.90 29.18
N PRO A 9 -8.09 -7.86 28.83
CA PRO A 9 -8.57 -7.67 27.46
C PRO A 9 -7.49 -7.27 26.45
N VAL A 10 -7.44 -7.99 25.32
CA VAL A 10 -6.42 -7.78 24.29
C VAL A 10 -7.05 -7.22 23.00
N ASP A 11 -6.48 -6.13 22.52
CA ASP A 11 -7.00 -5.41 21.36
C ASP A 11 -6.20 -5.71 20.08
N TYR A 12 -6.93 -5.96 18.99
CA TYR A 12 -6.33 -6.08 17.65
C TYR A 12 -6.86 -4.96 16.75
N HIS A 13 -5.96 -4.26 16.07
CA HIS A 13 -6.35 -3.09 15.27
C HIS A 13 -6.12 -3.25 13.78
N LEU A 14 -7.16 -3.02 13.00
CA LEU A 14 -7.10 -2.98 11.53
C LEU A 14 -7.53 -1.59 11.06
N LEU A 15 -6.96 -1.11 9.97
CA LEU A 15 -7.41 0.15 9.38
C LEU A 15 -7.61 0.02 7.88
N MET A 16 -8.74 0.56 7.41
CA MET A 16 -9.07 0.57 5.99
C MET A 16 -9.55 1.95 5.55
N MET A 17 -9.09 2.33 4.36
CA MET A 17 -9.52 3.54 3.69
C MET A 17 -10.89 3.32 3.06
N PHE A 18 -11.85 4.20 3.33
CA PHE A 18 -13.18 4.06 2.76
C PHE A 18 -13.80 5.42 2.52
N THR A 19 -13.39 6.07 1.44
CA THR A 19 -13.79 7.43 1.13
C THR A 19 -14.44 7.46 -0.25
N LYS A 20 -15.28 8.47 -0.48
CA LYS A 20 -15.95 8.68 -1.77
C LYS A 20 -16.82 7.47 -2.14
N ALA A 21 -17.37 6.81 -1.13
CA ALA A 21 -18.11 5.55 -1.34
C ALA A 21 -19.54 5.77 -1.81
N GLU A 22 -20.12 6.94 -1.54
CA GLU A 22 -21.51 7.21 -1.92
C GLU A 22 -21.63 7.29 -3.44
N HIS A 23 -22.61 6.60 -4.00
CA HIS A 23 -22.82 6.53 -5.46
C HIS A 23 -21.64 5.90 -6.19
N ASN A 24 -20.89 5.08 -5.48
CA ASN A 24 -19.77 4.36 -6.06
C ASN A 24 -19.98 2.87 -5.79
N ALA A 25 -20.82 2.24 -6.62
CA ALA A 25 -21.16 0.83 -6.45
C ALA A 25 -19.95 -0.10 -6.56
N PRO A 26 -19.02 0.19 -7.50
CA PRO A 26 -17.81 -0.65 -7.57
C PRO A 26 -17.03 -0.68 -6.26
N LEU A 27 -16.88 0.46 -5.59
CA LEU A 27 -16.18 0.50 -4.30
C LEU A 27 -16.98 -0.23 -3.21
N GLN A 28 -18.29 -0.01 -3.15
CA GLN A 28 -19.10 -0.72 -2.17
C GLN A 28 -19.02 -2.25 -2.34
N ALA A 29 -18.96 -2.71 -3.59
CA ALA A 29 -18.87 -4.16 -3.85
C ALA A 29 -17.54 -4.74 -3.37
N LYS A 30 -16.45 -4.01 -3.61
CA LYS A 30 -15.14 -4.39 -3.08
C LYS A 30 -15.16 -4.40 -1.55
N ALA A 31 -15.73 -3.35 -0.96
CA ALA A 31 -15.82 -3.27 0.51
C ALA A 31 -16.55 -4.49 1.06
N ARG A 32 -17.67 -4.81 0.41
CA ARG A 32 -18.46 -6.01 0.66
C ARG A 32 -17.65 -7.31 0.56
N VAL A 33 -16.92 -7.50 -0.52
CA VAL A 33 -16.09 -8.70 -0.71
C VAL A 33 -15.00 -8.81 0.37
N ALA A 34 -14.36 -7.68 0.68
CA ALA A 34 -13.30 -7.66 1.67
C ALA A 34 -13.85 -7.96 3.08
N LEU A 35 -14.83 -7.19 3.51
CA LEU A 35 -15.36 -7.31 4.87
C LEU A 35 -16.14 -8.62 5.14
N SER A 36 -16.86 -9.13 4.14
CA SER A 36 -17.56 -10.41 4.35
C SER A 36 -16.61 -11.57 4.58
N SER A 37 -15.55 -11.66 3.77
CA SER A 37 -14.55 -12.72 3.93
C SER A 37 -13.77 -12.57 5.22
N LEU A 38 -13.35 -11.34 5.49
CA LEU A 38 -12.66 -11.03 6.74
C LEU A 38 -13.45 -11.62 7.91
N LEU A 39 -14.73 -11.27 8.00
CA LEU A 39 -15.54 -11.55 9.18
C LEU A 39 -16.00 -13.00 9.28
N ARG A 40 -16.42 -13.57 8.15
CA ARG A 40 -16.73 -15.01 8.08
C ARG A 40 -15.56 -15.87 8.57
N LEU A 41 -14.35 -15.51 8.17
CA LEU A 41 -13.17 -16.33 8.46
C LEU A 41 -12.40 -15.96 9.71
N ALA A 42 -12.76 -14.86 10.37
CA ALA A 42 -12.04 -14.41 11.57
C ALA A 42 -12.44 -15.16 12.83
N LYS A 43 -11.46 -15.39 13.71
CA LYS A 43 -11.66 -16.10 14.98
C LYS A 43 -10.76 -15.50 16.06
N PHE A 44 -11.35 -15.15 17.20
CA PHE A 44 -10.62 -14.56 18.31
C PHE A 44 -11.07 -15.13 19.64
N GLU A 45 -10.15 -15.22 20.59
CA GLU A 45 -10.46 -15.70 21.93
C GLU A 45 -11.47 -14.77 22.63
N ALA A 46 -11.99 -15.21 23.77
CA ALA A 46 -13.10 -14.51 24.44
C ALA A 46 -12.76 -13.07 24.87
N HIS A 47 -11.53 -12.88 25.35
CA HIS A 47 -11.06 -11.61 25.90
C HIS A 47 -10.51 -10.68 24.84
N GLU A 48 -10.45 -11.16 23.60
CA GLU A 48 -9.87 -10.41 22.50
C GLU A 48 -10.94 -9.61 21.78
N VAL A 49 -10.60 -8.39 21.39
CA VAL A 49 -11.54 -7.54 20.66
C VAL A 49 -10.91 -7.06 19.35
N LEU A 50 -11.66 -7.20 18.26
CA LEU A 50 -11.22 -6.76 16.96
C LEU A 50 -11.70 -5.33 16.70
N ASN A 51 -10.73 -4.42 16.53
CA ASN A 51 -11.03 -3.01 16.25
C ASN A 51 -10.91 -2.67 14.77
N LEU A 52 -12.02 -2.26 14.16
CA LEU A 52 -12.05 -1.89 12.75
C LEU A 52 -12.08 -0.37 12.59
N HIS A 53 -10.93 0.20 12.24
CA HIS A 53 -10.80 1.63 11.98
C HIS A 53 -11.09 1.91 10.53
N PHE A 54 -11.99 2.86 10.29
CA PHE A 54 -12.32 3.29 8.93
C PHE A 54 -12.04 4.77 8.77
N VAL A 55 -11.31 5.11 7.71
CA VAL A 55 -11.05 6.49 7.36
C VAL A 55 -12.04 6.89 6.26
N SER A 56 -12.92 7.83 6.59
CA SER A 56 -14.06 8.16 5.73
C SER A 56 -14.49 9.60 5.92
N GLU A 57 -15.05 10.20 4.88
CA GLU A 57 -15.81 11.45 5.08
C GLU A 57 -17.23 11.06 5.51
N GLU A 58 -18.08 12.03 5.84
CA GLU A 58 -19.34 11.67 6.50
C GLU A 58 -20.29 10.80 5.68
N ALA A 59 -20.41 11.06 4.37
CA ALA A 59 -21.29 10.23 3.55
C ALA A 59 -20.87 8.75 3.53
N SER A 60 -19.58 8.49 3.31
CA SER A 60 -19.02 7.12 3.32
C SER A 60 -19.13 6.43 4.69
N ARG A 61 -19.12 7.23 5.76
CA ARG A 61 -19.34 6.68 7.10
C ARG A 61 -20.73 6.03 7.20
N GLU A 62 -21.75 6.72 6.67
CA GLU A 62 -23.11 6.18 6.67
C GLU A 62 -23.21 4.91 5.82
N VAL A 63 -22.61 4.93 4.63
CA VAL A 63 -22.54 3.74 3.77
C VAL A 63 -21.86 2.57 4.48
N ALA A 64 -20.74 2.83 5.15
CA ALA A 64 -20.00 1.76 5.83
C ALA A 64 -20.81 1.15 6.96
N LYS A 65 -21.55 1.99 7.69
CA LYS A 65 -22.38 1.53 8.81
C LYS A 65 -23.49 0.58 8.32
N ALA A 66 -24.17 0.99 7.25
CA ALA A 66 -25.23 0.18 6.66
C ALA A 66 -24.71 -1.19 6.20
N LEU A 67 -23.52 -1.21 5.61
CA LEU A 67 -22.85 -2.46 5.25
C LEU A 67 -22.47 -3.29 6.49
N LEU A 68 -21.90 -2.62 7.49
CA LEU A 68 -21.40 -3.25 8.70
C LEU A 68 -22.47 -3.91 9.57
N ARG A 69 -23.65 -3.27 9.71
CA ARG A 69 -24.72 -3.87 10.49
C ARG A 69 -25.25 -5.15 9.82
N GLU A 70 -25.28 -5.16 8.49
CA GLU A 70 -25.56 -6.37 7.73
C GLU A 70 -24.58 -7.53 7.99
N LEU A 71 -23.38 -7.21 8.48
CA LEU A 71 -22.30 -8.22 8.63
C LEU A 71 -21.88 -8.51 10.07
N LEU A 72 -22.31 -7.65 10.98
CA LEU A 72 -22.04 -7.80 12.40
C LEU A 72 -23.35 -8.10 13.14
N PRO A 73 -23.28 -8.86 14.26
CA PRO A 73 -22.06 -9.44 14.83
C PRO A 73 -21.56 -10.61 13.97
N PRO A 74 -20.26 -10.93 14.06
CA PRO A 74 -19.65 -12.01 13.27
C PRO A 74 -20.11 -13.41 13.70
N ALA A 75 -20.19 -14.32 12.73
CA ALA A 75 -20.58 -15.71 12.97
C ALA A 75 -19.85 -16.34 14.16
N ALA A 76 -18.54 -16.08 14.25
CA ALA A 76 -17.72 -16.63 15.33
C ALA A 76 -17.97 -16.01 16.72
N GLY A 77 -18.84 -15.00 16.78
CA GLY A 77 -19.32 -14.43 18.05
C GLY A 77 -18.36 -13.57 18.90
N PHE A 78 -17.18 -13.27 18.36
CA PHE A 78 -16.17 -12.48 19.08
C PHE A 78 -16.50 -10.98 19.17
N LYS A 79 -15.89 -10.28 20.12
CA LYS A 79 -16.17 -8.86 20.34
C LYS A 79 -15.51 -8.00 19.26
N CYS A 80 -16.32 -7.15 18.64
CA CYS A 80 -15.84 -6.35 17.53
C CYS A 80 -16.26 -4.89 17.64
N LYS A 81 -15.29 -3.98 17.66
CA LYS A 81 -15.56 -2.55 17.75
C LYS A 81 -15.21 -1.78 16.47
N VAL A 82 -16.14 -0.94 16.03
CA VAL A 82 -15.99 -0.11 14.84
C VAL A 82 -15.64 1.35 15.22
N ILE A 83 -14.54 1.86 14.68
CA ILE A 83 -14.12 3.25 14.88
C ILE A 83 -13.96 3.99 13.54
N PHE A 84 -14.53 5.18 13.43
CA PHE A 84 -14.37 6.01 12.23
C PHE A 84 -13.47 7.19 12.50
N HIS A 85 -12.62 7.50 11.53
CA HIS A 85 -11.74 8.67 11.55
C HIS A 85 -12.04 9.56 10.39
N ASP A 86 -12.18 10.86 10.68
CA ASP A 86 -12.42 11.89 9.67
C ASP A 86 -11.24 12.10 8.73
N VAL A 87 -11.44 11.84 7.43
CA VAL A 87 -10.40 12.06 6.43
C VAL A 87 -9.89 13.51 6.47
N ALA A 88 -10.76 14.47 6.74
CA ALA A 88 -10.30 15.88 6.81
C ALA A 88 -9.46 16.18 8.06
N VAL A 89 -9.79 15.57 9.19
CA VAL A 89 -8.96 15.69 10.39
C VAL A 89 -7.57 15.06 10.19
N LEU A 90 -7.56 13.85 9.63
CA LEU A 90 -6.31 13.13 9.40
C LEU A 90 -5.45 13.87 8.37
N THR A 91 -6.09 14.39 7.32
CA THR A 91 -5.40 15.18 6.29
C THR A 91 -4.55 16.31 6.88
N ASP A 92 -5.16 17.14 7.75
CA ASP A 92 -4.45 18.25 8.41
C ASP A 92 -3.33 17.82 9.33
N LYS A 93 -3.53 16.71 10.04
CA LYS A 93 -2.49 16.13 10.89
C LYS A 93 -1.32 15.60 10.07
N LEU A 94 -1.61 14.98 8.93
CA LEU A 94 -0.56 14.41 8.08
C LEU A 94 0.28 15.44 7.35
N PHE A 95 -0.35 16.54 6.96
CA PHE A 95 0.25 17.46 6.02
C PHE A 95 1.63 18.02 6.38
N PRO A 96 1.83 18.52 7.63
CA PRO A 96 3.18 18.99 7.97
C PRO A 96 4.24 17.89 7.79
N VAL A 97 3.94 16.69 8.30
CA VAL A 97 4.86 15.57 8.20
C VAL A 97 5.08 15.15 6.75
N VAL A 98 4.02 15.17 5.97
CA VAL A 98 3.97 14.47 4.68
C VAL A 98 4.14 15.37 3.44
N GLU A 99 3.96 16.68 3.62
CA GLU A 99 4.02 17.70 2.56
C GLU A 99 5.16 17.54 1.54
N ALA A 100 6.39 17.40 2.05
CA ALA A 100 7.60 17.37 1.23
C ALA A 100 7.74 16.13 0.34
N MET A 101 7.14 15.02 0.74
CA MET A 101 7.18 13.83 -0.12
C MET A 101 6.11 13.81 -1.20
N GLN A 102 5.07 14.62 -1.05
CA GLN A 102 3.97 14.58 -2.02
C GLN A 102 4.42 14.80 -3.48
N LYS A 103 5.34 15.72 -3.71
CA LYS A 103 5.72 16.09 -5.08
C LYS A 103 6.38 14.96 -5.88
N TYR A 104 6.96 14.00 -5.15
CA TYR A 104 7.64 12.83 -5.73
C TYR A 104 6.72 11.64 -5.95
N PHE A 105 5.73 11.49 -5.07
CA PHE A 105 4.90 10.29 -5.03
C PHE A 105 3.39 10.51 -5.28
N SER A 106 3.01 11.70 -5.74
CA SER A 106 1.58 11.98 -5.96
C SER A 106 1.30 12.24 -7.43
N ALA A 107 0.05 12.00 -7.84
CA ALA A 107 -0.42 12.36 -9.18
C ALA A 107 -0.86 13.82 -9.25
N GLY A 108 -0.13 14.66 -9.98
CA GLY A 108 1.19 14.37 -10.50
C GLY A 108 2.05 15.43 -9.85
N SER A 109 1.73 16.68 -10.16
CA SER A 109 2.40 17.82 -9.53
C SER A 109 1.33 18.79 -9.02
N GLY A 110 1.56 19.40 -7.86
CA GLY A 110 2.58 18.91 -6.94
C GLY A 110 2.04 18.57 -5.56
N THR A 111 1.70 19.60 -4.79
CA THR A 111 1.40 19.41 -3.37
C THR A 111 -0.05 19.80 -3.04
N TYR A 112 -0.95 18.82 -3.14
CA TYR A 112 -2.40 19.02 -2.91
C TYR A 112 -2.92 18.31 -1.67
N TYR A 113 -3.79 18.98 -0.92
CA TYR A 113 -4.38 18.38 0.29
C TYR A 113 -5.01 17.03 0.01
N SER A 114 -5.69 16.94 -1.13
CA SER A 114 -6.41 15.74 -1.52
C SER A 114 -5.52 14.52 -1.75
N ASP A 115 -4.20 14.72 -1.88
CA ASP A 115 -3.26 13.61 -2.00
C ASP A 115 -2.68 13.14 -0.65
N SER A 116 -2.80 13.99 0.37
CA SER A 116 -2.16 13.75 1.67
C SER A 116 -2.56 12.44 2.34
N ILE A 117 -3.84 12.09 2.27
CA ILE A 117 -4.32 10.89 2.94
C ILE A 117 -3.66 9.61 2.40
N PHE A 118 -3.25 9.61 1.13
CA PHE A 118 -2.59 8.43 0.54
C PHE A 118 -1.21 8.19 1.17
N PHE A 119 -0.80 9.07 2.09
CA PHE A 119 0.45 8.88 2.83
C PHE A 119 0.22 8.55 4.30
N LEU A 120 -1.03 8.25 4.66
CA LEU A 120 -1.39 8.04 6.04
C LEU A 120 -0.49 7.05 6.76
N SER A 121 -0.19 5.94 6.10
CA SER A 121 0.60 4.86 6.70
C SER A 121 2.01 5.28 7.08
N VAL A 122 2.61 6.18 6.29
CA VAL A 122 3.98 6.60 6.61
C VAL A 122 4.08 7.37 7.92
N ALA A 123 3.01 8.06 8.32
CA ALA A 123 3.02 8.84 9.57
C ALA A 123 1.91 8.41 10.53
N MET A 124 1.46 7.18 10.38
CA MET A 124 0.43 6.55 11.21
C MET A 124 0.75 6.55 12.71
N HIS A 125 2.04 6.44 13.04
CA HIS A 125 2.51 6.42 14.43
C HIS A 125 2.37 7.77 15.09
N GLN A 126 2.20 8.80 14.27
CA GLN A 126 2.00 10.16 14.76
C GLN A 126 0.53 10.54 14.74
N ILE A 127 -0.29 9.70 14.11
CA ILE A 127 -1.70 9.99 13.91
C ILE A 127 -2.59 9.24 14.91
N MET A 128 -2.26 7.96 15.12
CA MET A 128 -2.98 7.12 16.06
C MET A 128 -2.57 7.43 17.50
N PRO A 129 -3.53 7.32 18.45
CA PRO A 129 -3.22 7.51 19.88
C PRO A 129 -2.12 6.56 20.31
N LYS A 130 -1.29 6.99 21.27
CA LYS A 130 -0.12 6.21 21.68
C LYS A 130 -0.47 4.87 22.34
N GLU A 131 -1.74 4.68 22.69
CA GLU A 131 -2.22 3.41 23.23
C GLU A 131 -2.17 2.28 22.21
N ILE A 132 -2.26 2.65 20.94
CA ILE A 132 -2.21 1.68 19.84
C ILE A 132 -0.75 1.41 19.46
N PRO A 133 -0.21 0.23 19.82
CA PRO A 133 1.19 -0.06 19.53
C PRO A 133 1.42 -0.60 18.11
N ARG A 134 0.39 -1.21 17.52
CA ARG A 134 0.47 -1.85 16.22
C ARG A 134 -0.89 -1.75 15.52
N ILE A 135 -0.86 -1.68 14.20
CA ILE A 135 -2.06 -1.64 13.41
C ILE A 135 -1.77 -2.25 12.04
N ILE A 136 -2.75 -2.94 11.48
CA ILE A 136 -2.60 -3.48 10.13
C ILE A 136 -3.49 -2.70 9.18
N GLN A 137 -2.88 -2.00 8.23
CA GLN A 137 -3.65 -1.26 7.23
C GLN A 137 -3.93 -2.14 6.01
N LEU A 138 -5.18 -2.21 5.61
CA LEU A 138 -5.59 -3.11 4.53
C LEU A 138 -6.41 -2.36 3.48
N ASP A 139 -6.15 -2.66 2.21
CA ASP A 139 -6.99 -2.19 1.10
C ASP A 139 -8.36 -2.86 1.11
N LEU A 140 -9.34 -2.20 0.51
CA LEU A 140 -10.67 -2.79 0.44
C LEU A 140 -10.89 -3.67 -0.81
N ASP A 141 -9.88 -3.80 -1.67
CA ASP A 141 -10.00 -4.73 -2.79
C ASP A 141 -9.23 -6.02 -2.55
N LEU A 142 -9.34 -6.51 -1.30
CA LEU A 142 -8.82 -7.80 -0.88
C LEU A 142 -9.91 -8.86 -0.74
N LYS A 143 -9.48 -10.10 -0.59
CA LYS A 143 -10.35 -11.19 -0.20
C LYS A 143 -9.55 -12.08 0.74
N TYR A 144 -10.01 -12.15 1.98
CA TYR A 144 -9.33 -12.94 3.01
C TYR A 144 -9.65 -14.43 2.81
N LYS A 145 -8.63 -15.27 2.89
CA LYS A 145 -8.79 -16.73 2.74
C LYS A 145 -8.36 -17.47 3.99
N THR A 146 -8.11 -16.72 5.06
CA THR A 146 -7.70 -17.27 6.34
C THR A 146 -8.17 -16.35 7.48
N ASN A 147 -7.97 -16.80 8.71
CA ASN A 147 -8.25 -15.99 9.88
C ASN A 147 -7.20 -14.90 10.05
N ILE A 148 -7.61 -13.66 9.86
CA ILE A 148 -6.74 -12.48 9.98
C ILE A 148 -5.93 -12.44 11.27
N ARG A 149 -6.43 -13.05 12.36
CA ARG A 149 -5.65 -13.17 13.59
C ARG A 149 -4.25 -13.76 13.35
N GLU A 150 -4.15 -14.60 12.33
CA GLU A 150 -2.89 -15.27 11.97
C GLU A 150 -1.84 -14.30 11.42
N LEU A 151 -2.28 -13.24 10.77
CA LEU A 151 -1.37 -12.23 10.24
C LEU A 151 -0.63 -11.48 11.36
N PHE A 152 -1.32 -11.24 12.47
CA PHE A 152 -0.72 -10.55 13.62
C PHE A 152 0.53 -11.19 14.18
N GLU A 153 0.64 -12.51 14.07
CA GLU A 153 1.82 -13.20 14.57
C GLU A 153 3.08 -12.91 13.75
N GLU A 154 2.92 -12.34 12.55
CA GLU A 154 4.08 -11.90 11.74
C GLU A 154 4.85 -10.74 12.38
N PHE A 155 4.21 -10.03 13.31
CA PHE A 155 4.89 -8.97 14.06
C PHE A 155 6.05 -9.57 14.82
N ASP A 156 5.90 -10.82 15.27
CA ASP A 156 6.93 -11.54 16.03
C ASP A 156 8.18 -11.85 15.23
N ASN A 157 8.06 -11.86 13.90
CA ASN A 157 9.18 -12.20 13.04
C ASN A 157 10.00 -11.00 12.57
N PHE A 158 9.63 -9.82 13.07
CA PHE A 158 10.37 -8.57 12.81
C PHE A 158 11.77 -8.66 13.41
N LEU A 159 12.79 -8.44 12.59
CA LEU A 159 14.15 -8.41 13.08
C LEU A 159 14.44 -7.05 13.74
N PRO A 160 15.44 -6.99 14.63
CA PRO A 160 15.92 -5.74 15.20
C PRO A 160 15.98 -4.61 14.16
N GLY A 161 15.32 -3.50 14.46
CA GLY A 161 15.40 -2.33 13.61
C GLY A 161 14.31 -2.22 12.57
N ALA A 162 13.67 -3.34 12.25
CA ALA A 162 12.52 -3.35 11.32
C ALA A 162 11.29 -2.69 11.95
N VAL A 163 10.58 -1.91 11.15
CA VAL A 163 9.43 -1.14 11.64
C VAL A 163 8.11 -1.48 10.95
N ILE A 164 8.19 -2.03 9.74
CA ILE A 164 7.01 -2.31 8.91
C ILE A 164 7.10 -3.70 8.27
N GLY A 165 5.94 -4.39 8.20
CA GLY A 165 5.82 -5.68 7.51
C GLY A 165 5.02 -5.45 6.25
N ILE A 166 5.57 -5.87 5.11
CA ILE A 166 5.01 -5.53 3.80
C ILE A 166 5.41 -6.58 2.75
N ALA A 167 4.54 -6.82 1.77
CA ALA A 167 4.85 -7.81 0.72
C ALA A 167 5.44 -7.11 -0.51
N ARG A 168 6.14 -7.87 -1.34
CA ARG A 168 6.74 -7.33 -2.56
C ARG A 168 5.67 -6.92 -3.57
N GLU A 169 6.04 -6.02 -4.46
CA GLU A 169 5.19 -5.65 -5.58
C GLU A 169 5.39 -6.74 -6.64
N MET A 170 4.29 -7.25 -7.18
CA MET A 170 4.33 -8.43 -8.06
C MET A 170 4.25 -8.11 -9.55
N GLN A 171 4.29 -6.83 -9.90
CA GLN A 171 4.43 -6.41 -11.27
C GLN A 171 5.75 -5.66 -11.41
N PRO A 172 6.25 -5.52 -12.65
CA PRO A 172 7.49 -4.76 -12.85
C PRO A 172 7.31 -3.23 -12.92
N VAL A 173 6.25 -2.71 -12.32
CA VAL A 173 6.07 -1.25 -12.21
C VAL A 173 7.34 -0.54 -11.70
N TYR A 174 8.04 -1.13 -10.74
CA TYR A 174 9.27 -0.47 -10.22
C TYR A 174 10.52 -0.67 -11.08
N ARG A 175 10.55 -1.74 -11.89
CA ARG A 175 11.55 -1.87 -12.94
C ARG A 175 11.43 -0.66 -13.83
N HIS A 176 10.19 -0.34 -14.19
CA HIS A 176 9.87 0.81 -15.04
C HIS A 176 10.21 2.14 -14.39
N THR A 177 9.77 2.32 -13.14
CA THR A 177 9.98 3.56 -12.35
C THR A 177 11.45 3.88 -12.13
N PHE A 178 12.28 2.86 -11.95
CA PHE A 178 13.68 3.08 -11.60
C PHE A 178 14.61 3.04 -12.82
N TRP A 179 14.02 3.12 -14.01
CA TRP A 179 14.73 2.97 -15.28
C TRP A 179 16.03 3.72 -15.36
N GLN A 180 16.00 5.00 -15.04
CA GLN A 180 17.18 5.85 -15.14
C GLN A 180 18.24 5.48 -14.12
N PHE A 181 17.85 5.25 -12.88
CA PHE A 181 18.80 4.71 -11.90
C PHE A 181 19.39 3.37 -12.36
N ARG A 182 18.54 2.49 -12.88
CA ARG A 182 19.02 1.22 -13.42
C ARG A 182 20.02 1.41 -14.56
N HIS A 183 19.72 2.37 -15.43
CA HIS A 183 20.57 2.74 -16.55
C HIS A 183 21.96 3.16 -16.10
N GLU A 184 22.01 3.96 -15.03
CA GLU A 184 23.28 4.48 -14.50
C GLU A 184 23.99 3.46 -13.60
N ASN A 185 23.29 2.40 -13.22
CA ASN A 185 23.87 1.37 -12.35
C ASN A 185 23.52 -0.03 -12.86
N PRO A 186 24.28 -0.51 -13.88
CA PRO A 186 23.95 -1.77 -14.56
C PRO A 186 23.88 -2.98 -13.63
N LYS A 187 24.62 -2.95 -12.53
CA LYS A 187 24.72 -4.08 -11.62
C LYS A 187 23.75 -4.03 -10.43
N THR A 188 22.83 -3.05 -10.42
CA THR A 188 21.89 -2.89 -9.30
C THR A 188 20.78 -3.94 -9.26
N ARG A 189 20.33 -4.26 -8.04
CA ARG A 189 19.22 -5.16 -7.82
C ARG A 189 17.91 -4.38 -7.66
N VAL A 190 18.03 -3.05 -7.64
CA VAL A 190 16.88 -2.16 -7.56
C VAL A 190 15.96 -2.33 -8.78
N GLY A 191 14.76 -2.86 -8.55
CA GLY A 191 13.79 -3.06 -9.63
C GLY A 191 13.82 -4.45 -10.24
N ASP A 192 14.80 -5.28 -9.88
CA ASP A 192 14.88 -6.64 -10.40
C ASP A 192 13.83 -7.52 -9.72
N PRO A 193 13.44 -8.62 -10.37
CA PRO A 193 12.46 -9.54 -9.78
C PRO A 193 13.03 -10.34 -8.61
N PRO A 194 12.16 -10.98 -7.80
CA PRO A 194 12.65 -11.93 -6.81
C PRO A 194 13.27 -13.15 -7.51
N PRO A 195 14.02 -13.99 -6.79
CA PRO A 195 14.28 -13.94 -5.34
C PRO A 195 15.46 -13.06 -4.90
N GLU A 196 16.30 -12.67 -5.86
CA GLU A 196 17.50 -11.90 -5.52
C GLU A 196 17.37 -10.38 -5.77
N GLY A 197 16.42 -9.98 -6.61
CA GLY A 197 16.21 -8.56 -6.88
C GLY A 197 15.36 -7.86 -5.84
N LEU A 198 15.19 -6.56 -5.99
CA LEU A 198 14.33 -5.78 -5.10
C LEU A 198 13.21 -5.14 -5.92
N PRO A 199 12.05 -5.82 -6.02
CA PRO A 199 11.01 -5.35 -6.92
C PRO A 199 10.16 -4.23 -6.33
N GLY A 200 10.45 -3.84 -5.10
CA GLY A 200 9.67 -2.82 -4.41
C GLY A 200 8.52 -3.46 -3.66
N PHE A 201 7.64 -2.63 -3.11
CA PHE A 201 6.58 -3.16 -2.26
C PHE A 201 5.18 -2.89 -2.80
N ASN A 202 4.19 -3.64 -2.32
CA ASN A 202 2.79 -3.35 -2.57
C ASN A 202 2.15 -2.96 -1.24
N SER A 203 1.36 -1.91 -1.23
CA SER A 203 0.78 -1.37 0.02
C SER A 203 -0.55 -2.01 0.48
N GLY A 204 -1.02 -3.06 -0.21
CA GLY A 204 -2.33 -3.64 0.06
C GLY A 204 -2.50 -4.19 1.47
N VAL A 205 -1.40 -4.68 2.04
CA VAL A 205 -1.37 -5.28 3.37
C VAL A 205 -0.12 -4.75 4.05
N MET A 206 -0.28 -3.99 5.13
CA MET A 206 0.90 -3.42 5.82
C MET A 206 0.77 -3.56 7.33
N LEU A 207 1.77 -4.19 7.94
CA LEU A 207 1.83 -4.35 9.39
C LEU A 207 2.66 -3.19 9.93
N LEU A 208 1.96 -2.21 10.48
CA LEU A 208 2.58 -0.97 10.88
C LEU A 208 2.84 -1.07 12.37
N ASN A 209 4.10 -1.29 12.73
CA ASN A 209 4.45 -1.31 14.14
C ASN A 209 4.72 0.12 14.62
N LEU A 210 3.69 0.74 15.17
CA LEU A 210 3.73 2.17 15.53
C LEU A 210 4.79 2.50 16.57
N GLU A 211 5.01 1.59 17.51
CA GLU A 211 6.03 1.73 18.53
C GLU A 211 7.45 1.67 17.95
N ALA A 212 7.69 0.71 17.05
CA ALA A 212 8.99 0.60 16.42
C ALA A 212 9.23 1.80 15.50
N MET A 213 8.17 2.30 14.86
CA MET A 213 8.26 3.47 13.98
C MET A 213 8.62 4.73 14.76
N ARG A 214 7.93 4.94 15.90
CA ARG A 214 8.19 6.06 16.81
C ARG A 214 9.63 5.99 17.33
N GLN A 215 10.05 4.77 17.62
CA GLN A 215 11.28 4.54 18.35
C GLN A 215 12.52 4.42 17.46
N SER A 216 12.30 4.40 16.15
CA SER A 216 13.42 4.26 15.21
C SER A 216 14.03 5.61 14.85
N PRO A 217 15.31 5.83 15.22
CA PRO A 217 16.01 7.05 14.80
C PRO A 217 16.14 7.12 13.29
N LEU A 218 16.41 5.98 12.65
CA LEU A 218 16.52 5.91 11.20
C LEU A 218 15.21 6.28 10.49
N TYR A 219 14.11 5.64 10.90
CA TYR A 219 12.83 5.89 10.27
C TYR A 219 12.45 7.37 10.34
N SER A 220 12.62 7.95 11.51
CA SER A 220 12.30 9.36 11.77
C SER A 220 13.10 10.33 10.88
N HIS A 221 14.36 9.99 10.62
CA HIS A 221 15.22 10.78 9.75
C HIS A 221 14.77 10.75 8.32
N LEU A 222 14.29 9.59 7.88
CA LEU A 222 13.86 9.43 6.49
C LEU A 222 12.59 10.22 6.16
N LEU A 223 11.84 10.57 7.21
CA LEU A 223 10.66 11.45 7.13
C LEU A 223 10.99 12.93 6.91
N GLU A 224 12.21 13.34 7.26
CA GLU A 224 12.62 14.74 7.15
C GLU A 224 12.73 15.18 5.67
N PRO A 225 12.17 16.37 5.33
CA PRO A 225 12.15 16.87 3.95
C PRO A 225 13.45 16.68 3.16
N SER A 226 14.61 16.97 3.78
CA SER A 226 15.87 16.90 3.05
C SER A 226 16.33 15.48 2.75
N TRP A 227 15.97 14.53 3.61
CA TRP A 227 16.23 13.11 3.37
C TRP A 227 15.36 12.54 2.27
N VAL A 228 14.05 12.80 2.33
CA VAL A 228 13.12 12.50 1.21
C VAL A 228 13.68 13.05 -0.11
N GLN A 229 14.09 14.31 -0.10
CA GLN A 229 14.60 14.93 -1.32
C GLN A 229 15.89 14.29 -1.82
N GLN A 230 16.81 13.97 -0.91
CA GLN A 230 18.11 13.40 -1.28
C GLN A 230 17.97 12.03 -1.95
N LEU A 231 17.06 11.22 -1.44
CA LEU A 231 16.84 9.87 -1.94
C LEU A 231 16.09 9.87 -3.26
N ALA A 232 15.07 10.72 -3.37
CA ALA A 232 14.33 10.89 -4.62
C ALA A 232 15.23 11.33 -5.77
N ASP A 233 16.24 12.15 -5.47
CA ASP A 233 17.25 12.59 -6.44
C ASP A 233 18.20 11.46 -6.79
N LYS A 234 18.70 10.77 -5.78
CA LYS A 234 19.60 9.66 -6.00
C LYS A 234 18.92 8.62 -6.90
N TYR A 235 17.65 8.34 -6.62
CA TYR A 235 16.92 7.33 -7.38
C TYR A 235 16.21 7.82 -8.65
N HIS A 236 16.24 9.13 -8.89
CA HIS A 236 15.45 9.77 -9.97
C HIS A 236 14.03 9.28 -9.92
N PHE A 237 13.43 9.36 -8.73
CA PHE A 237 12.16 8.68 -8.46
C PHE A 237 10.98 9.61 -8.65
N ARG A 238 10.04 9.18 -9.49
CA ARG A 238 8.75 9.85 -9.63
C ARG A 238 7.64 8.79 -9.56
N GLY A 239 6.61 9.06 -8.75
CA GLY A 239 5.49 8.14 -8.57
C GLY A 239 4.14 8.81 -8.42
N HIS A 240 3.09 8.02 -8.29
CA HIS A 240 1.75 8.56 -8.04
C HIS A 240 0.98 7.61 -7.17
N LEU A 241 1.70 6.67 -6.56
CA LEU A 241 1.10 5.62 -5.71
C LEU A 241 1.33 5.84 -4.22
N GLY A 242 1.85 7.01 -3.86
CA GLY A 242 1.87 7.50 -2.47
C GLY A 242 2.70 6.67 -1.51
N ASP A 243 2.09 6.24 -0.40
CA ASP A 243 2.79 5.45 0.61
C ASP A 243 3.61 4.30 0.00
N GLN A 244 2.97 3.54 -0.90
CA GLN A 244 3.63 2.45 -1.62
C GLN A 244 4.96 2.87 -2.25
N ASP A 245 4.97 4.02 -2.94
CA ASP A 245 6.16 4.58 -3.58
C ASP A 245 7.24 5.02 -2.58
N PHE A 246 6.82 5.60 -1.46
CA PHE A 246 7.76 6.03 -0.42
C PHE A 246 8.45 4.86 0.26
N PHE A 247 7.67 3.87 0.69
CA PHE A 247 8.23 2.69 1.34
C PHE A 247 9.15 1.97 0.36
N THR A 248 8.71 1.84 -0.90
CA THR A 248 9.53 1.22 -1.95
C THR A 248 10.90 1.92 -2.03
N MET A 249 10.89 3.24 -2.08
CA MET A 249 12.13 4.02 -2.21
C MET A 249 13.06 3.86 -1.02
N ILE A 250 12.56 4.08 0.19
CA ILE A 250 13.41 3.95 1.37
C ILE A 250 13.78 2.49 1.60
N GLY A 251 12.93 1.59 1.08
CA GLY A 251 13.20 0.15 1.08
C GLY A 251 14.41 -0.23 0.23
N MET A 252 14.71 0.56 -0.80
CA MET A 252 15.93 0.40 -1.59
C MET A 252 17.20 0.80 -0.81
N GLU A 253 17.15 1.95 -0.14
CA GLU A 253 18.24 2.45 0.69
C GLU A 253 18.43 1.63 1.93
N HIS A 254 17.31 1.33 2.60
CA HIS A 254 17.34 0.76 3.93
C HIS A 254 16.41 -0.41 4.07
N PRO A 255 16.74 -1.53 3.42
CA PRO A 255 15.88 -2.73 3.53
C PRO A 255 15.73 -3.27 4.97
N GLU A 256 16.65 -2.93 5.88
CA GLU A 256 16.58 -3.33 7.31
C GLU A 256 15.25 -2.97 7.99
N LEU A 257 14.61 -1.92 7.50
CA LEU A 257 13.40 -1.39 8.11
C LEU A 257 12.17 -2.22 7.84
N PHE A 258 12.26 -3.10 6.85
CA PHE A 258 11.08 -3.82 6.40
C PHE A 258 11.21 -5.30 6.58
N HIS A 259 10.18 -5.87 7.20
CA HIS A 259 9.99 -7.29 7.25
C HIS A 259 9.16 -7.66 6.07
N VAL A 260 9.78 -8.36 5.12
CA VAL A 260 9.10 -8.78 3.90
C VAL A 260 8.14 -9.95 4.17
N LEU A 261 6.85 -9.73 3.94
CA LEU A 261 5.88 -10.80 4.08
C LEU A 261 5.93 -11.72 2.88
N ASP A 262 5.61 -13.00 3.09
CA ASP A 262 5.50 -13.92 1.98
C ASP A 262 4.36 -13.49 1.05
N CYS A 263 4.56 -13.74 -0.25
CA CYS A 263 3.65 -13.32 -1.30
C CYS A 263 2.20 -13.76 -1.11
N THR A 264 1.99 -14.85 -0.36
CA THR A 264 0.64 -15.38 -0.12
C THR A 264 -0.20 -14.52 0.82
N TRP A 265 0.46 -13.60 1.53
CA TRP A 265 -0.25 -12.63 2.37
C TRP A 265 -0.78 -11.45 1.60
N ASN A 266 -0.33 -11.29 0.37
CA ASN A 266 -0.82 -10.23 -0.50
C ASN A 266 -0.60 -10.63 -1.96
N ARG A 267 -1.38 -11.61 -2.43
CA ARG A 267 -1.26 -12.12 -3.78
C ARG A 267 -2.01 -11.21 -4.75
N GLN A 268 -1.27 -10.32 -5.39
CA GLN A 268 -1.83 -9.33 -6.29
C GLN A 268 -2.18 -9.99 -7.64
N LEU A 269 -3.25 -9.51 -8.29
CA LEU A 269 -3.79 -10.13 -9.50
C LEU A 269 -3.76 -9.22 -10.73
N CYS A 270 -3.49 -7.95 -10.50
CA CYS A 270 -3.31 -6.98 -11.57
C CYS A 270 -2.17 -7.35 -12.53
N THR A 271 -2.44 -7.27 -13.83
CA THR A 271 -1.47 -7.65 -14.86
C THR A 271 -1.29 -6.52 -15.87
N TRP A 272 -1.73 -5.32 -15.49
CA TRP A 272 -1.67 -4.15 -16.34
C TRP A 272 -0.30 -3.92 -16.96
N TRP A 273 0.76 -4.08 -16.17
CA TRP A 273 2.12 -3.88 -16.66
C TRP A 273 2.63 -4.95 -17.61
N ARG A 274 2.05 -6.16 -17.56
CA ARG A 274 2.34 -7.19 -18.55
C ARG A 274 2.14 -6.67 -19.96
N ASP A 275 1.04 -5.95 -20.16
CA ASP A 275 0.63 -5.48 -21.48
C ASP A 275 1.19 -4.10 -21.83
N HIS A 276 2.19 -3.64 -21.07
CA HIS A 276 2.75 -2.31 -21.32
C HIS A 276 4.25 -2.23 -21.40
N GLY A 277 4.86 -3.32 -21.86
CA GLY A 277 6.27 -3.32 -22.18
C GLY A 277 7.08 -4.34 -21.41
N TYR A 278 6.40 -5.20 -20.67
CA TYR A 278 7.09 -6.16 -19.77
C TYR A 278 6.60 -7.59 -19.89
N SER A 279 6.19 -7.98 -21.10
CA SER A 279 5.79 -9.37 -21.39
C SER A 279 6.86 -10.39 -21.05
N ASP A 280 8.10 -10.09 -21.40
CA ASP A 280 9.21 -11.01 -21.17
C ASP A 280 9.42 -11.31 -19.69
N VAL A 281 9.64 -10.26 -18.91
CA VAL A 281 10.04 -10.41 -17.51
C VAL A 281 8.87 -10.55 -16.54
N PHE A 282 7.65 -10.35 -17.02
CA PHE A 282 6.48 -10.27 -16.14
C PHE A 282 6.36 -11.43 -15.18
N GLN A 283 6.53 -12.64 -15.70
CA GLN A 283 6.41 -13.87 -14.92
C GLN A 283 7.32 -13.92 -13.72
N ALA A 284 8.57 -13.48 -13.91
CA ALA A 284 9.55 -13.48 -12.83
C ALA A 284 9.07 -12.66 -11.63
N TYR A 285 8.37 -11.56 -11.88
CA TYR A 285 7.77 -10.72 -10.84
C TYR A 285 6.47 -11.30 -10.30
N PHE A 286 5.63 -11.83 -11.19
CA PHE A 286 4.25 -12.20 -10.86
C PHE A 286 4.08 -13.56 -10.16
N ARG A 287 5.11 -14.40 -10.24
CA ARG A 287 5.08 -15.77 -9.71
C ARG A 287 4.90 -15.75 -8.19
N CYS A 288 3.82 -16.36 -7.71
CA CYS A 288 3.63 -16.57 -6.28
C CYS A 288 3.07 -17.95 -6.01
N GLU A 289 3.77 -18.72 -5.20
CA GLU A 289 3.34 -20.10 -4.95
C GLU A 289 3.27 -20.44 -3.48
N GLY A 290 2.34 -21.34 -3.15
CA GLY A 290 2.01 -21.66 -1.77
C GLY A 290 0.54 -21.45 -1.57
N HIS A 291 0.06 -21.75 -0.37
CA HIS A 291 -1.35 -21.61 -0.06
C HIS A 291 -1.69 -20.15 0.14
N VAL A 292 -2.52 -19.61 -0.75
CA VAL A 292 -2.88 -18.19 -0.68
C VAL A 292 -3.69 -17.87 0.57
N LYS A 293 -3.27 -16.80 1.25
CA LYS A 293 -3.91 -16.34 2.46
C LYS A 293 -4.76 -15.12 2.18
N ILE A 294 -4.25 -14.19 1.37
CA ILE A 294 -5.02 -13.01 0.94
C ILE A 294 -4.84 -12.75 -0.54
N TYR A 295 -5.95 -12.66 -1.28
CA TYR A 295 -5.92 -12.18 -2.66
C TYR A 295 -6.08 -10.66 -2.70
N HIS A 296 -5.43 -10.02 -3.67
CA HIS A 296 -5.52 -8.59 -3.83
C HIS A 296 -5.91 -8.32 -5.24
N GLY A 297 -7.21 -8.06 -5.45
CA GLY A 297 -7.73 -7.76 -6.78
C GLY A 297 -7.41 -6.36 -7.26
N ASN A 298 -6.13 -6.01 -7.28
CA ASN A 298 -5.73 -4.63 -7.63
C ASN A 298 -5.97 -4.29 -9.11
N CYS A 299 -5.88 -3.00 -9.43
CA CYS A 299 -6.36 -2.45 -10.71
C CYS A 299 -7.71 -3.06 -11.19
N ASN A 300 -8.68 -3.12 -10.28
CA ASN A 300 -10.04 -3.54 -10.59
C ASN A 300 -10.13 -4.93 -11.22
N THR A 301 -9.18 -5.78 -10.87
CA THR A 301 -9.12 -7.14 -11.39
C THR A 301 -10.03 -8.02 -10.55
N PRO A 302 -11.01 -8.68 -11.20
CA PRO A 302 -11.95 -9.53 -10.45
C PRO A 302 -11.21 -10.65 -9.74
N ILE A 303 -11.57 -10.90 -8.48
CA ILE A 303 -10.98 -11.99 -7.70
C ILE A 303 -11.77 -13.28 -7.97
N PRO A 304 -11.04 -14.40 -8.20
CA PRO A 304 -11.68 -15.70 -8.45
C PRO A 304 -12.36 -16.26 -7.20
N GLU A 305 -13.30 -17.18 -7.39
CA GLU A 305 -14.05 -17.77 -6.28
C GLU A 305 -13.87 -19.28 -6.20
N GLN B 8 -6.96 9.75 -9.18
CA GLN B 8 -5.72 9.07 -9.65
C GLN B 8 -5.39 9.45 -11.10
N CYS B 9 -4.20 9.05 -11.56
CA CYS B 9 -3.83 9.22 -12.96
C CYS B 9 -3.54 7.87 -13.58
N GLU B 10 -3.50 7.83 -14.90
CA GLU B 10 -3.01 6.66 -15.59
C GLU B 10 -1.48 6.71 -15.66
N SER B 11 -0.83 5.61 -15.29
CA SER B 11 0.63 5.52 -15.43
C SER B 11 1.15 5.94 -16.78
N ASN B 12 2.21 6.73 -16.74
CA ASN B 12 2.96 7.09 -17.93
C ASN B 12 3.65 5.85 -18.50
N PRO B 13 3.23 5.41 -19.69
CA PRO B 13 3.93 4.28 -20.34
C PRO B 13 5.35 4.64 -20.80
N CYS B 14 5.65 5.93 -20.86
CA CYS B 14 6.98 6.43 -21.24
C CYS B 14 7.98 6.19 -20.11
N LEU B 15 9.25 6.07 -20.46
CA LEU B 15 10.28 5.76 -19.46
C LEU B 15 10.82 7.04 -18.84
N ASN B 16 10.63 8.14 -19.55
CA ASN B 16 11.06 9.47 -19.10
C ASN B 16 9.89 10.32 -18.60
N GLY B 17 10.23 11.40 -17.89
CA GLY B 17 9.24 12.36 -17.39
C GLY B 17 8.54 11.92 -16.12
N GLY B 18 7.38 12.53 -15.86
CA GLY B 18 6.60 12.24 -14.67
C GLY B 18 5.94 10.87 -14.68
N SER B 19 5.29 10.53 -13.57
CA SER B 19 4.68 9.21 -13.36
C SER B 19 3.32 9.05 -14.06
N CYS B 20 2.66 10.17 -14.34
CA CYS B 20 1.35 10.19 -14.99
C CYS B 20 1.53 10.45 -16.47
N LYS B 21 0.74 9.76 -17.30
CA LYS B 21 0.85 9.97 -18.73
C LYS B 21 0.32 11.34 -19.11
N ASP B 22 0.89 11.88 -20.18
CA ASP B 22 0.67 13.27 -20.62
C ASP B 22 1.13 14.23 -19.51
N ASP B 23 2.34 13.95 -19.01
CA ASP B 23 3.07 14.86 -18.15
C ASP B 23 3.22 16.16 -18.92
N ILE B 24 2.74 17.26 -18.32
CA ILE B 24 2.82 18.57 -18.96
C ILE B 24 4.27 18.99 -19.27
N ASN B 25 5.21 18.56 -18.43
CA ASN B 25 6.60 18.97 -18.57
C ASN B 25 7.46 18.02 -19.42
N SER B 26 6.82 17.05 -20.06
CA SER B 26 7.48 16.12 -21.00
C SER B 26 7.13 16.39 -22.46
N TYR B 27 8.12 16.22 -23.33
CA TYR B 27 7.94 16.39 -24.76
C TYR B 27 8.28 15.12 -25.55
N GLU B 28 9.27 14.38 -25.07
CA GLU B 28 9.63 13.09 -25.65
C GLU B 28 8.94 11.94 -24.90
N CYS B 29 8.83 10.79 -25.55
CA CYS B 29 8.34 9.57 -24.93
C CYS B 29 9.20 8.38 -25.34
N TRP B 30 10.15 8.02 -24.47
CA TRP B 30 10.95 6.83 -24.70
C TRP B 30 10.17 5.63 -24.26
N CYS B 31 9.79 4.81 -25.22
CA CYS B 31 8.97 3.64 -24.94
C CYS B 31 9.82 2.45 -24.50
N PRO B 32 9.26 1.58 -23.64
CA PRO B 32 9.93 0.30 -23.35
C PRO B 32 10.04 -0.53 -24.65
N PHE B 33 11.05 -1.37 -24.75
CA PHE B 33 11.29 -2.13 -25.99
C PHE B 33 10.01 -2.78 -26.53
N GLY B 34 9.82 -2.67 -27.85
CA GLY B 34 8.72 -3.33 -28.56
C GLY B 34 7.53 -2.43 -28.83
N PHE B 35 7.61 -1.17 -28.38
CA PHE B 35 6.47 -0.26 -28.44
C PHE B 35 6.85 1.08 -29.06
N GLU B 36 5.88 1.70 -29.74
CA GLU B 36 6.08 2.98 -30.43
C GLU B 36 4.83 3.85 -30.27
N GLY B 37 4.98 5.15 -30.50
CA GLY B 37 3.87 6.09 -30.46
C GLY B 37 4.01 7.08 -29.31
N LYS B 38 3.19 8.13 -29.33
CA LYS B 38 3.23 9.16 -28.28
C LYS B 38 2.82 8.63 -26.90
N ASN B 39 2.11 7.50 -26.90
CA ASN B 39 1.78 6.79 -25.67
C ASN B 39 2.06 5.28 -25.77
N CYS B 40 3.08 4.94 -26.56
CA CYS B 40 3.54 3.58 -26.78
C CYS B 40 2.41 2.61 -27.15
N GLU B 41 1.57 3.04 -28.10
CA GLU B 41 0.35 2.31 -28.46
C GLU B 41 0.58 1.00 -29.23
N LEU B 42 1.45 1.02 -30.23
CA LEU B 42 1.66 -0.14 -31.11
C LEU B 42 3.13 -0.49 -31.32
C2 BGC C . -0.13 1.81 -12.25
C3 BGC C . -1.14 0.67 -12.33
C4 BGC C . -2.45 1.19 -12.92
C5 BGC C . -2.21 1.81 -14.30
C6 BGC C . -3.50 2.31 -14.98
C1 BGC C . -0.03 2.41 -13.64
O2 BGC C . 1.16 1.36 -11.86
O3 BGC C . -1.37 0.20 -11.00
O4 BGC C . -3.39 0.12 -13.01
O5 BGC C . -1.29 2.89 -14.13
O6 BGC C . -4.19 3.26 -14.16
C1 XYS C . -1.35 -1.22 -10.91
C2 XYS C . -2.01 -1.56 -9.58
C3 XYS C . -1.10 -1.21 -8.40
C4 XYS C . 0.27 -1.89 -8.61
C5 XYS C . 0.88 -1.42 -9.92
O2 XYS C . -3.22 -0.84 -9.52
O3 XYS C . -1.70 -1.72 -7.22
O4 XYS C . 1.19 -1.58 -7.56
O5 XYS C . -0.02 -1.74 -11.00
#